data_2VX1
#
_entry.id   2VX1
#
_cell.length_a   46.116
_cell.length_b   53.537
_cell.length_c   61.505
_cell.angle_alpha   90.00
_cell.angle_beta   110.90
_cell.angle_gamma   90.00
#
_symmetry.space_group_name_H-M   'P 1 21 1'
#
loop_
_entity.id
_entity.type
_entity.pdbx_description
1 polymer 'EPHRIN TYPE-B RECEPTOR 4'
2 non-polymer 3-({4-[(5-CHLORO-1,3-BENZODIOXOL-4-YL)AMINO]PYRIMIDIN-2-YL}AMINO)BENZAMIDE
3 non-polymer 'MAGNESIUM ION'
4 water water
#
_entity_poly.entity_id   1
_entity_poly.type   'polypeptide(L)'
_entity_poly.pdbx_seq_one_letter_code
;DPNEAVREFAKEIDVSYVKIEEVIGAGEFGEVCRGRLKAPGKKESCVAIKTLKGGYTERQRREFLSEASIMGQFEHPNII
RLEGVVTNSMPVMILTEFMENGALDSFLRLNDGQFTVIQLVGMLRGIASGMRYLAEMSYVHRDLAARNILVNSNLVCKVS
DFGLSRFLEENSSDPTETSSLGGKIPIRWTAPEAIAFRKFTSASDAWSYGIVMWEVMSFGERPYWDMSNQDVINAIEQDY
RLPPPPDCPTSLHQLMLDCWQKDRNARPRFPQVVSALDKMIRNPASLKIVARENGGASHPLL
;
_entity_poly.pdbx_strand_id   A
#
loop_
_chem_comp.id
_chem_comp.type
_chem_comp.name
_chem_comp.formula
7X8 non-polymer 3-({4-[(5-CHLORO-1,3-BENZODIOXOL-4-YL)AMINO]PYRIMIDIN-2-YL}AMINO)BENZAMIDE 'C18 H14 Cl N5 O3'
MG non-polymer 'MAGNESIUM ION' 'Mg 2'
#
# COMPACT_ATOMS: atom_id res chain seq x y z
N LYS A 11 4.18 -16.66 14.54
CA LYS A 11 5.31 -17.05 15.41
C LYS A 11 5.30 -16.20 16.66
N GLU A 12 5.14 -16.87 17.81
CA GLU A 12 5.25 -16.18 19.07
C GLU A 12 6.72 -15.88 19.32
N ILE A 13 7.00 -14.62 19.59
CA ILE A 13 8.33 -14.16 19.91
C ILE A 13 8.44 -13.85 21.41
N ASP A 14 9.43 -14.49 22.04
CA ASP A 14 9.81 -14.24 23.43
C ASP A 14 10.14 -12.77 23.56
N VAL A 15 9.50 -12.10 24.51
CA VAL A 15 9.67 -10.66 24.65
C VAL A 15 11.10 -10.27 25.02
N SER A 16 11.87 -11.20 25.61
CA SER A 16 13.29 -10.93 25.86
C SER A 16 14.12 -10.80 24.56
N TYR A 17 13.57 -11.22 23.43
CA TYR A 17 14.28 -11.13 22.16
C TYR A 17 14.13 -9.76 21.49
N VAL A 18 13.26 -8.91 22.04
CA VAL A 18 12.88 -7.63 21.44
C VAL A 18 13.39 -6.46 22.27
N LYS A 19 14.02 -5.50 21.61
CA LYS A 19 14.36 -4.22 22.23
C LYS A 19 13.73 -3.11 21.41
N ILE A 20 12.89 -2.29 22.03
CA ILE A 20 12.27 -1.16 21.36
C ILE A 20 13.19 0.04 21.46
N GLU A 21 13.48 0.69 20.33
CA GLU A 21 14.50 1.75 20.30
C GLU A 21 13.94 3.17 20.24
N GLU A 22 12.85 3.35 19.50
CA GLU A 22 12.29 4.69 19.32
C GLU A 22 10.87 4.60 18.75
N VAL A 23 9.99 5.53 19.16
CA VAL A 23 8.65 5.65 18.61
C VAL A 23 8.78 6.46 17.31
N ILE A 24 8.33 5.90 16.21
CA ILE A 24 8.50 6.50 14.88
C ILE A 24 7.17 6.84 14.18
N GLY A 25 6.07 6.46 14.78
CA GLY A 25 4.80 6.63 14.13
C GLY A 25 3.63 6.35 15.05
N ALA A 26 2.43 6.57 14.53
CA ALA A 26 1.20 6.24 15.26
C ALA A 26 0.35 5.38 14.36
N GLY A 27 -0.22 4.32 14.90
CA GLY A 27 -1.17 3.50 14.15
C GLY A 27 -2.56 3.62 14.73
N GLU A 28 -3.50 2.90 14.11
CA GLU A 28 -4.89 2.88 14.53
C GLU A 28 -5.07 2.55 16.00
N PHE A 29 -4.25 1.62 16.51
CA PHE A 29 -4.47 1.06 17.83
C PHE A 29 -3.37 1.36 18.80
N GLY A 30 -2.37 2.11 18.38
CA GLY A 30 -1.20 2.37 19.21
C GLY A 30 0.01 2.90 18.46
N GLU A 31 1.17 2.75 19.08
CA GLU A 31 2.41 3.29 18.57
C GLU A 31 3.00 2.38 17.48
N VAL A 32 3.84 2.99 16.65
CA VAL A 32 4.74 2.24 15.79
C VAL A 32 6.16 2.64 16.16
N CYS A 33 7.00 1.63 16.35
CA CYS A 33 8.35 1.79 16.90
C CYS A 33 9.40 1.12 16.01
N ARG A 34 10.62 1.59 16.14
CA ARG A 34 11.77 0.91 15.56
C ARG A 34 12.43 0.15 16.70
N GLY A 35 12.94 -1.03 16.37
CA GLY A 35 13.59 -1.85 17.40
C GLY A 35 14.47 -2.92 16.79
N ARG A 36 14.93 -3.80 17.65
CA ARG A 36 15.84 -4.90 17.30
C ARG A 36 15.29 -6.21 17.83
N LEU A 37 15.45 -7.24 17.03
CA LEU A 37 15.01 -8.60 17.33
C LEU A 37 16.28 -9.44 17.28
N LYS A 38 16.53 -10.21 18.33
CA LYS A 38 17.67 -11.13 18.40
C LYS A 38 17.13 -12.42 19.00
N ALA A 39 17.09 -13.47 18.17
CA ALA A 39 16.65 -14.80 18.58
C ALA A 39 17.80 -15.78 18.53
N PRO A 40 17.79 -16.78 19.42
CA PRO A 40 18.89 -17.74 19.43
C PRO A 40 19.17 -18.34 18.06
N GLY A 41 20.44 -18.32 17.66
CA GLY A 41 20.88 -18.93 16.40
C GLY A 41 20.81 -18.02 15.18
N LYS A 42 20.24 -16.82 15.35
CA LYS A 42 20.08 -15.89 14.26
C LYS A 42 20.76 -14.57 14.56
N LYS A 43 21.20 -13.89 13.51
CA LYS A 43 21.77 -12.56 13.68
C LYS A 43 20.67 -11.58 14.09
N GLU A 44 21.06 -10.55 14.82
CA GLU A 44 20.16 -9.46 15.19
C GLU A 44 19.68 -8.76 13.92
N SER A 45 18.41 -8.36 13.90
CA SER A 45 17.86 -7.64 12.76
C SER A 45 17.03 -6.44 13.27
N CYS A 46 16.90 -5.43 12.41
CA CYS A 46 16.04 -4.30 12.70
CA CYS A 46 16.05 -4.29 12.68
C CYS A 46 14.61 -4.69 12.41
N VAL A 47 13.69 -4.25 13.27
CA VAL A 47 12.29 -4.53 13.07
C VAL A 47 11.46 -3.26 13.32
N ALA A 48 10.28 -3.23 12.69
CA ALA A 48 9.23 -2.32 13.10
C ALA A 48 8.33 -3.09 14.05
N ILE A 49 7.78 -2.36 15.02
CA ILE A 49 6.99 -2.92 16.11
C ILE A 49 5.74 -2.08 16.28
N LYS A 50 4.57 -2.72 16.15
CA LYS A 50 3.28 -2.10 16.45
C LYS A 50 2.90 -2.61 17.82
N THR A 51 2.46 -1.70 18.70
CA THR A 51 2.07 -2.07 20.06
C THR A 51 0.58 -1.78 20.27
N LEU A 52 -0.04 -2.62 21.09
CA LEU A 52 -1.41 -2.44 21.54
C LEU A 52 -1.36 -2.48 23.07
N LYS A 53 -1.57 -1.33 23.72
CA LYS A 53 -1.54 -1.26 25.19
C LYS A 53 -2.95 -1.43 25.75
N GLY A 54 -3.11 -1.30 27.06
CA GLY A 54 -4.40 -1.55 27.73
C GLY A 54 -5.56 -0.67 27.27
N GLY A 55 -6.77 -1.08 27.65
CA GLY A 55 -7.99 -0.30 27.35
C GLY A 55 -8.76 -0.75 26.12
N TYR A 56 -8.25 -1.79 25.44
CA TYR A 56 -8.87 -2.32 24.24
C TYR A 56 -9.84 -3.45 24.58
N THR A 57 -10.90 -3.57 23.77
CA THR A 57 -11.78 -4.73 23.82
C THR A 57 -11.10 -5.93 23.17
N GLU A 58 -11.61 -7.13 23.47
CA GLU A 58 -11.08 -8.34 22.82
C GLU A 58 -11.31 -8.33 21.31
N ARG A 59 -12.41 -7.74 20.86
CA ARG A 59 -12.65 -7.67 19.42
C ARG A 59 -11.56 -6.80 18.80
N GLN A 60 -11.17 -5.73 19.50
CA GLN A 60 -10.12 -4.85 19.01
C GLN A 60 -8.75 -5.55 18.98
N ARG A 61 -8.49 -6.36 20.02
CA ARG A 61 -7.30 -7.20 20.05
C ARG A 61 -7.26 -8.15 18.86
N ARG A 62 -8.41 -8.76 18.55
CA ARG A 62 -8.46 -9.69 17.43
C ARG A 62 -8.24 -8.99 16.11
N GLU A 63 -8.79 -7.78 15.99
CA GLU A 63 -8.62 -7.00 14.78
C GLU A 63 -7.16 -6.59 14.61
N PHE A 64 -6.55 -6.16 15.70
CA PHE A 64 -5.13 -5.78 15.68
C PHE A 64 -4.29 -6.94 15.17
N LEU A 65 -4.50 -8.11 15.79
CA LEU A 65 -3.69 -9.30 15.48
C LEU A 65 -4.02 -9.89 14.12
N SER A 66 -5.23 -9.67 13.62
CA SER A 66 -5.58 -10.18 12.29
C SER A 66 -4.61 -9.71 11.21
N GLU A 67 -4.02 -8.53 11.37
CA GLU A 67 -3.04 -8.02 10.38
C GLU A 67 -1.81 -8.91 10.34
N ALA A 68 -1.37 -9.37 11.51
CA ALA A 68 -0.30 -10.35 11.61
C ALA A 68 -0.67 -11.68 10.93
N SER A 69 -1.85 -12.20 11.25
CA SER A 69 -2.30 -13.46 10.66
C SER A 69 -2.27 -13.40 9.13
N ILE A 70 -2.82 -12.33 8.60
CA ILE A 70 -2.85 -12.13 7.13
C ILE A 70 -1.43 -11.99 6.58
N MET A 71 -0.62 -11.06 7.11
CA MET A 71 0.78 -10.90 6.62
C MET A 71 1.55 -12.21 6.64
N GLY A 72 1.28 -13.05 7.64
CA GLY A 72 1.99 -14.30 7.81
C GLY A 72 1.61 -15.31 6.75
N GLN A 73 0.55 -15.04 6.01
CA GLN A 73 0.16 -15.92 4.90
C GLN A 73 1.02 -15.67 3.65
N PHE A 74 1.78 -14.58 3.66
CA PHE A 74 2.48 -14.12 2.47
C PHE A 74 4.02 -14.15 2.63
N GLU A 75 4.68 -14.32 1.50
CA GLU A 75 6.12 -14.30 1.39
C GLU A 75 6.44 -13.80 -0.01
N HIS A 76 6.92 -12.55 -0.09
CA HIS A 76 7.25 -11.91 -1.37
C HIS A 76 8.14 -10.68 -1.09
N PRO A 77 9.14 -10.41 -1.95
CA PRO A 77 10.02 -9.26 -1.70
C PRO A 77 9.37 -7.90 -1.72
N ASN A 78 8.17 -7.80 -2.31
CA ASN A 78 7.40 -6.56 -2.30
C ASN A 78 6.12 -6.54 -1.43
N ILE A 79 6.12 -7.40 -0.41
CA ILE A 79 5.07 -7.46 0.59
C ILE A 79 5.78 -7.42 1.94
N ILE A 80 5.30 -6.59 2.85
CA ILE A 80 5.90 -6.44 4.16
C ILE A 80 6.00 -7.80 4.86
N ARG A 81 7.20 -8.17 5.31
CA ARG A 81 7.46 -9.47 5.93
C ARG A 81 7.15 -9.45 7.43
N LEU A 82 6.34 -10.41 7.85
CA LEU A 82 6.10 -10.60 9.29
C LEU A 82 7.25 -11.35 9.97
N GLU A 83 7.75 -10.82 11.08
CA GLU A 83 8.71 -11.56 11.93
C GLU A 83 7.98 -12.34 12.99
N GLY A 84 6.97 -11.75 13.59
CA GLY A 84 6.21 -12.49 14.63
C GLY A 84 5.32 -11.60 15.45
N VAL A 85 4.79 -12.15 16.52
CA VAL A 85 3.91 -11.42 17.41
C VAL A 85 4.27 -11.75 18.85
N VAL A 86 3.88 -10.84 19.74
CA VAL A 86 3.98 -11.06 21.18
C VAL A 86 2.56 -10.94 21.69
N THR A 87 2.05 -12.06 22.19
CA THR A 87 0.67 -12.15 22.64
C THR A 87 0.52 -12.64 24.10
N ASN A 88 1.57 -13.24 24.65
CA ASN A 88 1.54 -13.76 26.03
C ASN A 88 2.01 -12.77 27.08
N SER A 89 2.20 -11.52 26.68
CA SER A 89 2.48 -10.45 27.64
C SER A 89 1.99 -9.12 27.08
N MET A 90 2.09 -8.08 27.89
CA MET A 90 1.67 -6.75 27.49
C MET A 90 2.87 -5.82 27.44
N PRO A 91 2.92 -4.93 26.44
CA PRO A 91 1.92 -4.75 25.40
C PRO A 91 1.94 -5.87 24.37
N VAL A 92 0.79 -6.09 23.73
CA VAL A 92 0.70 -7.00 22.59
C VAL A 92 1.46 -6.33 21.44
N MET A 93 2.24 -7.10 20.67
CA MET A 93 3.03 -6.52 19.58
C MET A 93 2.99 -7.34 18.29
N ILE A 94 3.14 -6.62 17.20
CA ILE A 94 3.39 -7.23 15.89
C ILE A 94 4.73 -6.69 15.41
N LEU A 95 5.62 -7.60 15.01
CA LEU A 95 6.95 -7.25 14.52
C LEU A 95 7.08 -7.62 13.06
N THR A 96 7.61 -6.68 12.28
CA THR A 96 7.88 -6.87 10.85
C THR A 96 9.28 -6.41 10.50
N GLU A 97 9.68 -6.65 9.27
CA GLU A 97 10.89 -6.06 8.74
C GLU A 97 10.75 -4.54 8.87
N PHE A 98 11.88 -3.84 9.01
CA PHE A 98 11.84 -2.38 9.15
C PHE A 98 12.09 -1.72 7.78
N MET A 99 11.29 -0.73 7.47
CA MET A 99 11.35 0.01 6.22
C MET A 99 11.78 1.43 6.59
N GLU A 100 13.04 1.71 6.37
CA GLU A 100 13.71 2.88 6.92
C GLU A 100 13.03 4.20 6.51
N ASN A 101 12.58 4.25 5.25
CA ASN A 101 12.02 5.45 4.68
C ASN A 101 10.51 5.65 4.84
N GLY A 102 9.85 4.75 5.57
CA GLY A 102 8.45 4.92 5.88
C GLY A 102 7.51 4.96 4.69
N ALA A 103 6.42 5.69 4.83
CA ALA A 103 5.37 5.72 3.83
C ALA A 103 5.80 6.44 2.55
N LEU A 104 5.45 5.89 1.41
CA LEU A 104 5.87 6.46 0.12
C LEU A 104 5.39 7.87 -0.20
N ASP A 105 4.15 8.18 0.14
CA ASP A 105 3.60 9.50 -0.18
C ASP A 105 4.40 10.59 0.54
N SER A 106 4.63 10.42 1.84
CA SER A 106 5.39 11.39 2.60
C SER A 106 6.87 11.39 2.17
N PHE A 107 7.40 10.21 1.88
CA PHE A 107 8.80 10.10 1.45
C PHE A 107 9.01 10.87 0.16
N LEU A 108 8.07 10.72 -0.76
CA LEU A 108 8.14 11.47 -2.02
C LEU A 108 7.95 12.97 -1.86
N ARG A 109 7.04 13.38 -0.99
CA ARG A 109 6.85 14.82 -0.73
C ARG A 109 8.14 15.43 -0.18
N LEU A 110 8.80 14.73 0.74
CA LEU A 110 10.11 15.18 1.28
C LEU A 110 11.15 15.33 0.16
N ASN A 111 11.07 14.44 -0.82
CA ASN A 111 12.04 14.39 -1.90
C ASN A 111 11.49 14.86 -3.24
N ASP A 112 10.65 15.87 -3.21
CA ASP A 112 9.94 16.33 -4.40
C ASP A 112 10.88 16.67 -5.54
N GLY A 113 10.67 16.05 -6.70
CA GLY A 113 11.50 16.29 -7.89
C GLY A 113 12.93 15.74 -7.84
N GLN A 114 13.24 14.93 -6.81
CA GLN A 114 14.61 14.53 -6.53
C GLN A 114 14.98 13.13 -6.94
N PHE A 115 13.97 12.37 -7.36
CA PHE A 115 14.22 11.07 -7.99
C PHE A 115 13.84 11.13 -9.49
N THR A 116 14.57 10.37 -10.30
CA THR A 116 14.37 10.35 -11.73
C THR A 116 13.13 9.55 -12.10
N VAL A 117 12.68 9.73 -13.34
CA VAL A 117 11.56 8.96 -13.84
C VAL A 117 11.88 7.47 -13.73
N ILE A 118 13.11 7.03 -14.05
CA ILE A 118 13.42 5.59 -13.98
C ILE A 118 13.34 5.04 -12.56
N GLN A 119 13.79 5.83 -11.60
CA GLN A 119 13.63 5.47 -10.21
C GLN A 119 12.16 5.34 -9.84
N LEU A 120 11.34 6.33 -10.20
CA LEU A 120 9.91 6.27 -9.92
C LEU A 120 9.25 5.02 -10.58
N VAL A 121 9.66 4.71 -11.81
CA VAL A 121 9.11 3.52 -12.51
C VAL A 121 9.52 2.24 -11.77
N GLY A 122 10.74 2.20 -11.24
CA GLY A 122 11.15 1.05 -10.43
C GLY A 122 10.30 0.89 -9.18
N MET A 123 9.97 1.99 -8.54
CA MET A 123 9.10 1.95 -7.35
C MET A 123 7.73 1.39 -7.73
N LEU A 124 7.22 1.92 -8.84
CA LEU A 124 5.90 1.47 -9.34
C LEU A 124 5.91 -0.02 -9.74
N ARG A 125 7.05 -0.46 -10.27
CA ARG A 125 7.23 -1.85 -10.66
C ARG A 125 7.18 -2.75 -9.41
N GLY A 126 7.87 -2.34 -8.34
CA GLY A 126 7.83 -3.08 -7.09
C GLY A 126 6.44 -3.20 -6.51
N ILE A 127 5.70 -2.09 -6.47
CA ILE A 127 4.32 -2.12 -6.01
C ILE A 127 3.51 -3.08 -6.85
N ALA A 128 3.68 -2.97 -8.17
CA ALA A 128 2.93 -3.84 -9.11
C ALA A 128 3.24 -5.31 -8.96
N SER A 129 4.48 -5.66 -8.62
CA SER A 129 4.85 -7.03 -8.39
C SER A 129 4.19 -7.51 -7.10
N GLY A 130 4.22 -6.68 -6.07
CA GLY A 130 3.49 -7.04 -4.83
C GLY A 130 2.04 -7.33 -5.11
N MET A 131 1.41 -6.45 -5.89
CA MET A 131 -0.01 -6.63 -6.24
C MET A 131 -0.27 -7.85 -7.14
N ARG A 132 0.63 -8.08 -8.10
CA ARG A 132 0.61 -9.31 -8.91
C ARG A 132 0.55 -10.58 -8.02
N TYR A 133 1.41 -10.60 -7.01
CA TYR A 133 1.44 -11.69 -6.04
C TYR A 133 0.13 -11.79 -5.25
N LEU A 134 -0.38 -10.67 -4.74
CA LEU A 134 -1.60 -10.71 -3.95
C LEU A 134 -2.76 -11.22 -4.78
N ALA A 135 -2.84 -10.79 -6.03
CA ALA A 135 -3.93 -11.19 -6.93
C ALA A 135 -3.81 -12.66 -7.27
N GLU A 136 -2.57 -13.15 -7.43
CA GLU A 136 -2.35 -14.56 -7.63
C GLU A 136 -2.83 -15.39 -6.43
N MET A 137 -2.62 -14.84 -5.24
CA MET A 137 -3.10 -15.45 -3.95
C MET A 137 -4.61 -15.22 -3.68
N SER A 138 -5.32 -14.59 -4.64
CA SER A 138 -6.74 -14.25 -4.49
C SER A 138 -7.01 -13.36 -3.27
N TYR A 139 -6.05 -12.50 -2.98
CA TYR A 139 -6.20 -11.49 -1.92
C TYR A 139 -6.43 -10.15 -2.57
N VAL A 140 -7.57 -9.56 -2.23
CA VAL A 140 -7.94 -8.23 -2.64
C VAL A 140 -7.60 -7.22 -1.55
N HIS A 141 -6.78 -6.25 -1.89
CA HIS A 141 -6.26 -5.35 -0.87
C HIS A 141 -7.30 -4.35 -0.32
N ARG A 142 -8.00 -3.70 -1.25
CA ARG A 142 -9.11 -2.79 -0.98
C ARG A 142 -8.72 -1.36 -0.50
N ASP A 143 -7.47 -1.16 -0.13
CA ASP A 143 -7.01 0.15 0.35
C ASP A 143 -5.61 0.46 -0.21
N LEU A 144 -5.45 0.19 -1.51
CA LEU A 144 -4.16 0.38 -2.17
C LEU A 144 -3.98 1.88 -2.45
N ALA A 145 -2.99 2.48 -1.80
CA ALA A 145 -2.76 3.93 -1.78
C ALA A 145 -1.30 4.10 -1.45
N ALA A 146 -0.70 5.20 -1.91
CA ALA A 146 0.73 5.39 -1.65
C ALA A 146 1.07 5.40 -0.15
N ARG A 147 0.14 5.93 0.70
CA ARG A 147 0.32 5.91 2.14
C ARG A 147 0.46 4.51 2.72
N ASN A 148 -0.01 3.50 1.98
CA ASN A 148 0.13 2.10 2.39
C ASN A 148 1.31 1.33 1.75
N ILE A 149 2.14 2.09 1.06
CA ILE A 149 3.37 1.55 0.52
C ILE A 149 4.52 2.03 1.37
N LEU A 150 5.37 1.10 1.78
CA LEU A 150 6.55 1.42 2.60
C LEU A 150 7.81 1.25 1.78
N VAL A 151 8.83 2.02 2.13
CA VAL A 151 10.03 2.17 1.34
C VAL A 151 11.25 1.92 2.20
N ASN A 152 12.14 1.02 1.74
CA ASN A 152 13.38 0.70 2.48
C ASN A 152 14.56 1.58 2.05
N SER A 153 15.75 1.34 2.64
CA SER A 153 16.90 2.19 2.36
C SER A 153 17.37 2.15 0.92
N ASN A 154 17.06 1.06 0.22
CA ASN A 154 17.43 0.88 -1.18
C ASN A 154 16.30 1.29 -2.12
N LEU A 155 15.27 1.92 -1.57
CA LEU A 155 14.09 2.42 -2.30
C LEU A 155 13.16 1.34 -2.82
N VAL A 156 13.32 0.14 -2.30
CA VAL A 156 12.38 -0.92 -2.59
C VAL A 156 11.07 -0.63 -1.88
N CYS A 157 9.99 -0.74 -2.65
CA CYS A 157 8.64 -0.48 -2.20
C CYS A 157 7.91 -1.78 -1.92
N LYS A 158 7.20 -1.82 -0.78
CA LYS A 158 6.46 -2.98 -0.39
C LYS A 158 5.05 -2.60 0.06
N VAL A 159 4.10 -3.43 -0.31
CA VAL A 159 2.72 -3.28 0.12
C VAL A 159 2.53 -3.61 1.60
N SER A 160 1.81 -2.72 2.26
CA SER A 160 1.38 -2.91 3.62
C SER A 160 -0.14 -2.67 3.80
N ASP A 161 -0.60 -2.88 5.03
CA ASP A 161 -1.96 -2.67 5.48
C ASP A 161 -2.84 -3.85 5.08
N PHE A 162 -2.89 -4.85 5.95
CA PHE A 162 -3.64 -6.09 5.68
C PHE A 162 -4.72 -6.27 6.74
N GLY A 163 -5.89 -6.65 6.26
CA GLY A 163 -7.07 -6.76 7.10
C GLY A 163 -8.21 -7.17 6.20
N LEU A 164 -9.15 -7.93 6.77
CA LEU A 164 -10.25 -8.49 5.99
C LEU A 164 -11.63 -7.99 6.44
N SER A 165 -11.67 -7.02 7.37
CA SER A 165 -12.94 -6.56 7.91
C SER A 165 -13.64 -5.76 6.83
N ARG A 166 -14.95 -5.96 6.70
CA ARG A 166 -15.73 -5.17 5.77
C ARG A 166 -15.58 -3.70 6.11
N PHE A 167 -15.76 -2.83 5.11
CA PHE A 167 -15.85 -1.41 5.37
C PHE A 167 -17.18 -1.09 6.07
N LEU A 168 -17.23 0.05 6.75
CA LEU A 168 -18.42 0.43 7.53
C LEU A 168 -19.70 0.38 6.70
N GLU A 169 -19.61 0.78 5.43
CA GLU A 169 -20.78 0.79 4.56
C GLU A 169 -21.33 -0.61 4.22
N GLU A 170 -20.53 -1.65 4.45
CA GLU A 170 -20.92 -3.03 4.13
C GLU A 170 -21.64 -3.76 5.26
N ASN A 171 -21.56 -3.21 6.46
CA ASN A 171 -22.08 -3.88 7.64
C ASN A 171 -23.38 -3.23 8.09
N SER A 172 -23.76 -3.45 9.35
CA SER A 172 -25.08 -3.06 9.82
C SER A 172 -25.40 -1.62 9.45
N SER A 173 -26.61 -1.46 8.92
CA SER A 173 -27.34 -0.20 8.88
C SER A 173 -26.98 0.81 9.98
N ASP A 174 -26.92 0.33 11.23
CA ASP A 174 -26.60 1.17 12.38
C ASP A 174 -25.16 0.90 12.83
N GLY A 182 -13.31 -1.94 9.83
CA GLY A 182 -12.36 -1.69 8.74
C GLY A 182 -12.33 -0.26 8.21
N GLY A 183 -13.06 0.65 8.87
CA GLY A 183 -13.17 2.06 8.43
C GLY A 183 -14.05 2.29 7.21
N LYS A 184 -14.04 3.51 6.68
CA LYS A 184 -14.89 3.89 5.56
C LYS A 184 -14.19 3.56 4.25
N ILE A 185 -14.95 3.34 3.20
CA ILE A 185 -14.39 3.10 1.88
C ILE A 185 -13.52 4.33 1.50
N PRO A 186 -12.26 4.11 1.12
CA PRO A 186 -11.40 5.21 0.70
C PRO A 186 -11.78 5.70 -0.68
N ILE A 187 -12.75 6.60 -0.71
CA ILE A 187 -13.39 6.94 -1.97
C ILE A 187 -12.43 7.32 -3.10
N ARG A 188 -11.44 8.19 -2.84
CA ARG A 188 -10.55 8.68 -3.91
C ARG A 188 -9.67 7.58 -4.55
N TRP A 189 -9.51 6.44 -3.88
CA TRP A 189 -8.69 5.37 -4.39
C TRP A 189 -9.53 4.25 -4.97
N THR A 190 -10.86 4.35 -4.83
CA THR A 190 -11.73 3.19 -5.04
C THR A 190 -12.44 3.23 -6.39
N ALA A 191 -12.51 2.06 -7.04
CA ALA A 191 -13.11 1.95 -8.35
C ALA A 191 -14.61 2.20 -8.27
N PRO A 192 -15.19 2.76 -9.34
CA PRO A 192 -16.59 3.17 -9.28
C PRO A 192 -17.58 2.05 -8.96
N GLU A 193 -17.34 0.85 -9.46
CA GLU A 193 -18.23 -0.28 -9.18
C GLU A 193 -18.07 -0.76 -7.74
N ALA A 194 -16.88 -0.57 -7.19
CA ALA A 194 -16.65 -0.97 -5.81
C ALA A 194 -17.33 0.05 -4.89
N ILE A 195 -17.30 1.34 -5.22
CA ILE A 195 -18.08 2.35 -4.42
C ILE A 195 -19.59 2.06 -4.52
N ALA A 196 -20.06 1.88 -5.75
CA ALA A 196 -21.50 1.71 -6.03
C ALA A 196 -22.05 0.41 -5.44
N PHE A 197 -21.35 -0.71 -5.66
CA PHE A 197 -21.91 -2.04 -5.36
C PHE A 197 -21.15 -2.82 -4.29
N ARG A 198 -20.05 -2.24 -3.81
CA ARG A 198 -19.16 -2.91 -2.88
C ARG A 198 -18.60 -4.21 -3.43
N LYS A 199 -18.41 -4.31 -4.72
CA LYS A 199 -17.77 -5.49 -5.27
C LYS A 199 -16.29 -5.11 -5.42
N PHE A 200 -15.50 -5.62 -4.48
CA PHE A 200 -14.05 -5.45 -4.46
C PHE A 200 -13.38 -6.67 -5.04
N THR A 201 -12.60 -6.42 -6.09
CA THR A 201 -11.89 -7.45 -6.81
C THR A 201 -10.45 -6.99 -7.10
N SER A 202 -9.65 -7.88 -7.65
CA SER A 202 -8.30 -7.49 -8.10
C SER A 202 -8.40 -6.40 -9.20
N ALA A 203 -9.50 -6.40 -9.99
CA ALA A 203 -9.68 -5.36 -11.00
C ALA A 203 -10.02 -4.01 -10.38
N SER A 204 -10.65 -4.01 -9.22
CA SER A 204 -10.83 -2.73 -8.53
C SER A 204 -9.50 -2.29 -7.89
N ASP A 205 -8.69 -3.24 -7.40
CA ASP A 205 -7.32 -2.90 -6.98
C ASP A 205 -6.51 -2.27 -8.16
N ALA A 206 -6.75 -2.71 -9.40
CA ALA A 206 -6.01 -2.15 -10.55
C ALA A 206 -6.33 -0.68 -10.72
N TRP A 207 -7.60 -0.31 -10.51
CA TRP A 207 -8.02 1.09 -10.49
C TRP A 207 -7.21 1.85 -9.42
N SER A 208 -7.21 1.32 -8.20
CA SER A 208 -6.44 1.94 -7.11
C SER A 208 -4.96 2.10 -7.47
N TYR A 209 -4.41 1.07 -8.10
CA TYR A 209 -3.02 1.09 -8.51
C TYR A 209 -2.76 2.27 -9.48
N GLY A 210 -3.69 2.55 -10.39
CA GLY A 210 -3.60 3.74 -11.28
C GLY A 210 -3.53 5.01 -10.46
N ILE A 211 -4.31 5.07 -9.39
CA ILE A 211 -4.25 6.23 -8.50
C ILE A 211 -2.86 6.32 -7.84
N VAL A 212 -2.33 5.19 -7.37
CA VAL A 212 -0.98 5.16 -6.80
C VAL A 212 0.05 5.63 -7.83
N MET A 213 -0.10 5.21 -9.10
CA MET A 213 0.80 5.69 -10.14
C MET A 213 0.82 7.22 -10.16
N TRP A 214 -0.36 7.82 -10.17
CA TRP A 214 -0.53 9.27 -10.18
C TRP A 214 0.12 9.90 -8.96
N GLU A 215 -0.10 9.31 -7.79
CA GLU A 215 0.54 9.82 -6.55
C GLU A 215 2.04 9.80 -6.68
N VAL A 216 2.60 8.72 -7.22
CA VAL A 216 4.04 8.62 -7.32
C VAL A 216 4.61 9.63 -8.31
N MET A 217 4.01 9.71 -9.50
CA MET A 217 4.49 10.66 -10.53
C MET A 217 4.27 12.14 -10.19
N SER A 218 3.42 12.39 -9.18
CA SER A 218 3.17 13.73 -8.67
C SER A 218 3.92 13.97 -7.35
N PHE A 219 4.86 13.11 -7.00
CA PHE A 219 5.61 13.23 -5.76
C PHE A 219 4.70 13.45 -4.52
N GLY A 220 3.65 12.64 -4.43
CA GLY A 220 2.80 12.61 -3.24
C GLY A 220 1.71 13.65 -3.15
N GLU A 221 1.24 14.20 -4.27
CA GLU A 221 0.10 15.12 -4.22
C GLU A 221 -1.16 14.33 -3.86
N ARG A 222 -2.16 15.01 -3.34
CA ARG A 222 -3.45 14.38 -3.00
C ARG A 222 -4.31 14.16 -4.26
N PRO A 223 -4.72 12.90 -4.54
CA PRO A 223 -5.61 12.62 -5.68
C PRO A 223 -6.85 13.53 -5.57
N TYR A 224 -7.18 14.21 -6.66
CA TYR A 224 -8.37 15.08 -6.79
C TYR A 224 -8.34 16.36 -5.93
N TRP A 225 -7.13 16.73 -5.49
CA TRP A 225 -6.89 17.96 -4.74
C TRP A 225 -8.02 18.22 -3.71
N ASP A 226 -8.72 19.33 -3.79
CA ASP A 226 -9.74 19.63 -2.76
C ASP A 226 -11.15 19.17 -3.12
N MET A 227 -11.31 18.33 -4.14
CA MET A 227 -12.62 17.88 -4.50
C MET A 227 -13.20 17.08 -3.36
N SER A 228 -14.50 17.20 -3.12
CA SER A 228 -15.16 16.41 -2.09
C SER A 228 -15.27 14.96 -2.58
N ASN A 229 -15.52 14.03 -1.65
CA ASN A 229 -15.75 12.64 -2.03
C ASN A 229 -16.89 12.52 -3.02
N GLN A 230 -18.00 13.20 -2.76
CA GLN A 230 -19.11 13.12 -3.69
C GLN A 230 -18.76 13.77 -5.03
N ASP A 231 -17.98 14.86 -5.01
CA ASP A 231 -17.47 15.50 -6.23
C ASP A 231 -16.66 14.50 -7.10
N VAL A 232 -15.82 13.71 -6.42
CA VAL A 232 -14.99 12.69 -7.08
C VAL A 232 -15.87 11.62 -7.71
N ILE A 233 -16.84 11.12 -6.94
CA ILE A 233 -17.75 10.09 -7.44
C ILE A 233 -18.48 10.57 -8.70
N ASN A 234 -19.01 11.79 -8.64
CA ASN A 234 -19.73 12.37 -9.77
C ASN A 234 -18.84 12.61 -10.98
N ALA A 235 -17.64 13.12 -10.74
CA ALA A 235 -16.69 13.42 -11.80
C ALA A 235 -16.34 12.15 -12.59
N ILE A 236 -15.98 11.11 -11.88
CA ILE A 236 -15.61 9.83 -12.50
C ILE A 236 -16.78 9.27 -13.30
N GLU A 237 -17.99 9.33 -12.72
CA GLU A 237 -19.19 8.88 -13.46
C GLU A 237 -19.40 9.72 -14.74
N GLN A 238 -18.94 10.98 -14.71
CA GLN A 238 -19.05 11.90 -15.85
C GLN A 238 -17.75 12.00 -16.65
N ASP A 239 -16.96 10.93 -16.62
CA ASP A 239 -15.83 10.70 -17.53
C ASP A 239 -14.53 11.47 -17.24
N TYR A 240 -14.51 12.24 -16.17
CA TYR A 240 -13.31 12.95 -15.77
C TYR A 240 -12.28 11.91 -15.33
N ARG A 241 -11.02 12.14 -15.66
CA ARG A 241 -9.91 11.34 -15.10
C ARG A 241 -8.79 12.33 -14.77
N LEU A 242 -8.00 12.05 -13.74
CA LEU A 242 -6.87 12.88 -13.36
C LEU A 242 -5.91 13.09 -14.56
N PRO A 243 -5.40 14.32 -14.70
CA PRO A 243 -4.52 14.64 -15.81
C PRO A 243 -3.10 14.17 -15.53
N PRO A 244 -2.24 14.18 -16.55
CA PRO A 244 -0.84 13.76 -16.29
C PRO A 244 -0.21 14.73 -15.30
N PRO A 245 0.47 14.20 -14.28
CA PRO A 245 1.24 15.09 -13.43
C PRO A 245 2.32 15.81 -14.22
N PRO A 246 2.81 16.93 -13.67
CA PRO A 246 3.90 17.64 -14.32
C PRO A 246 5.04 16.72 -14.69
N ASP A 247 5.49 16.80 -15.95
CA ASP A 247 6.66 16.08 -16.41
C ASP A 247 6.43 14.57 -16.54
N CYS A 248 5.19 14.11 -16.39
CA CYS A 248 4.90 12.68 -16.41
C CYS A 248 4.97 12.17 -17.86
N PRO A 249 5.78 11.14 -18.11
CA PRO A 249 5.74 10.51 -19.42
C PRO A 249 4.31 10.08 -19.84
N THR A 250 3.98 10.37 -21.09
CA THR A 250 2.68 10.02 -21.62
C THR A 250 2.37 8.53 -21.52
N SER A 251 3.37 7.67 -21.75
CA SER A 251 3.16 6.21 -21.64
C SER A 251 2.67 5.82 -20.22
N LEU A 252 3.21 6.49 -19.20
CA LEU A 252 2.76 6.24 -17.82
C LEU A 252 1.33 6.74 -17.59
N HIS A 253 1.03 7.94 -18.11
CA HIS A 253 -0.31 8.44 -17.98
C HIS A 253 -1.30 7.53 -18.72
N GLN A 254 -0.94 7.04 -19.89
CA GLN A 254 -1.83 6.14 -20.59
C GLN A 254 -2.10 4.86 -19.80
N LEU A 255 -1.08 4.31 -19.13
CA LEU A 255 -1.29 3.14 -18.22
C LEU A 255 -2.25 3.48 -17.09
N MET A 256 -2.16 4.68 -16.54
CA MET A 256 -3.15 5.15 -15.55
C MET A 256 -4.55 5.12 -16.13
N LEU A 257 -4.71 5.72 -17.30
CA LEU A 257 -6.01 5.74 -17.98
C LEU A 257 -6.56 4.32 -18.21
N ASP A 258 -5.67 3.41 -18.55
CA ASP A 258 -6.05 2.00 -18.76
C ASP A 258 -6.56 1.40 -17.44
N CYS A 259 -5.86 1.67 -16.33
CA CYS A 259 -6.30 1.26 -14.99
C CYS A 259 -7.66 1.86 -14.63
N TRP A 260 -7.95 3.05 -15.15
CA TRP A 260 -9.19 3.75 -14.84
C TRP A 260 -10.34 3.52 -15.84
N GLN A 261 -10.29 2.46 -16.61
CA GLN A 261 -11.44 2.16 -17.46
C GLN A 261 -12.67 1.87 -16.60
N LYS A 262 -13.81 2.44 -17.00
CA LYS A 262 -15.04 2.17 -16.26
C LYS A 262 -15.38 0.68 -16.24
N ASP A 263 -15.19 0.00 -17.36
CA ASP A 263 -15.41 -1.45 -17.46
C ASP A 263 -14.23 -2.18 -16.79
N ARG A 264 -14.48 -2.75 -15.61
CA ARG A 264 -13.42 -3.43 -14.88
C ARG A 264 -12.69 -4.50 -15.67
N ASN A 265 -13.40 -5.20 -16.57
CA ASN A 265 -12.79 -6.26 -17.36
C ASN A 265 -11.82 -5.76 -18.42
N ALA A 266 -11.86 -4.47 -18.71
CA ALA A 266 -10.98 -3.88 -19.69
C ALA A 266 -9.66 -3.39 -19.07
N ARG A 267 -9.62 -3.27 -17.75
CA ARG A 267 -8.42 -2.80 -17.08
C ARG A 267 -7.34 -3.88 -17.23
N PRO A 268 -6.07 -3.44 -17.23
CA PRO A 268 -5.01 -4.45 -17.24
C PRO A 268 -5.02 -5.21 -15.92
N ARG A 269 -4.69 -6.49 -15.98
CA ARG A 269 -4.44 -7.29 -14.79
C ARG A 269 -2.98 -7.06 -14.35
N PHE A 270 -2.65 -7.43 -13.12
CA PHE A 270 -1.34 -7.05 -12.61
C PHE A 270 -0.13 -7.65 -13.38
N PRO A 271 -0.25 -8.89 -13.92
CA PRO A 271 0.92 -9.37 -14.72
C PRO A 271 1.21 -8.44 -15.92
N GLN A 272 0.16 -7.91 -16.51
CA GLN A 272 0.26 -7.00 -17.66
CA GLN A 272 0.31 -7.03 -17.66
C GLN A 272 0.84 -5.67 -17.24
N VAL A 273 0.44 -5.20 -16.06
CA VAL A 273 0.98 -3.94 -15.50
C VAL A 273 2.49 -4.09 -15.29
N VAL A 274 2.91 -5.17 -14.66
CA VAL A 274 4.34 -5.38 -14.43
C VAL A 274 5.04 -5.44 -15.79
N SER A 275 4.48 -6.16 -16.76
CA SER A 275 5.08 -6.27 -18.08
C SER A 275 5.30 -4.92 -18.73
N ALA A 276 4.27 -4.07 -18.69
CA ALA A 276 4.34 -2.73 -19.26
C ALA A 276 5.45 -1.92 -18.62
N LEU A 277 5.56 -1.97 -17.31
CA LEU A 277 6.60 -1.25 -16.59
C LEU A 277 8.00 -1.79 -16.87
N ASP A 278 8.15 -3.10 -16.98
CA ASP A 278 9.42 -3.70 -17.34
C ASP A 278 9.89 -3.20 -18.74
N LYS A 279 8.94 -3.09 -19.67
CA LYS A 279 9.22 -2.63 -21.05
C LYS A 279 9.73 -1.19 -21.03
N MET A 280 9.07 -0.35 -20.21
CA MET A 280 9.51 1.03 -20.04
C MET A 280 10.94 1.11 -19.54
N ILE A 281 11.25 0.32 -18.51
CA ILE A 281 12.56 0.30 -17.91
C ILE A 281 13.61 -0.09 -18.94
N ARG A 282 13.30 -1.08 -19.77
CA ARG A 282 14.19 -1.54 -20.85
C ARG A 282 14.26 -0.57 -22.01
N ASN A 283 13.25 0.28 -22.17
CA ASN A 283 13.18 1.19 -23.28
C ASN A 283 13.00 2.61 -22.78
N PRO A 284 14.00 3.13 -22.05
CA PRO A 284 13.82 4.41 -21.37
C PRO A 284 13.59 5.61 -22.30
N ALA A 285 13.99 5.51 -23.56
CA ALA A 285 13.65 6.54 -24.53
C ALA A 285 12.15 6.82 -24.61
N SER A 286 11.34 5.77 -24.47
CA SER A 286 9.89 5.88 -24.56
C SER A 286 9.32 6.84 -23.50
N LEU A 287 9.98 6.92 -22.35
CA LEU A 287 9.55 7.80 -21.27
C LEU A 287 9.87 9.31 -21.52
N LYS A 288 10.61 9.62 -22.59
CA LYS A 288 10.92 11.02 -22.94
C LYS A 288 9.72 11.83 -23.45
N ILE A 289 8.72 11.15 -24.01
CA ILE A 289 7.55 11.83 -24.55
C ILE A 289 6.63 12.25 -23.40
N VAL A 290 6.44 13.56 -23.25
CA VAL A 290 5.65 14.19 -22.18
C VAL A 290 4.70 15.21 -22.82
N ALA A 291 3.54 15.46 -22.22
CA ALA A 291 2.69 16.60 -22.68
C ALA A 291 3.15 17.91 -22.05
N2 7X8 B . 8.73 2.02 8.91
C7 7X8 B . 7.91 0.88 9.04
N3 7X8 B . 8.54 -0.23 8.63
C8 7X8 B . 7.84 -1.37 8.67
C9 7X8 B . 6.54 -1.42 9.11
C10 7X8 B . 5.96 -0.22 9.50
N4 7X8 B . 4.65 -0.17 9.95
C11 7X8 B . 3.84 -1.30 10.12
C12 7X8 B . 4.11 -2.22 11.12
O2 7X8 B . 5.17 -2.16 12.01
C13 7X8 B . 5.10 -3.49 12.53
O3 7X8 B . 3.79 -4.09 12.35
C14 7X8 B . 3.32 -3.32 11.32
C15 7X8 B . 2.22 -3.58 10.54
C16 7X8 B . 1.96 -2.67 9.52
C17 7X8 B . 2.75 -1.54 9.32
CL1 7X8 B . 2.39 -0.38 8.06
N5 7X8 B . 6.64 0.93 9.47
N1 7X8 B . 4.94 6.53 9.62
N1 7X8 B . 11.81 5.90 9.98
C1 7X8 B . 5.43 5.40 10.23
C1 7X8 B . 10.63 6.36 9.44
O1 7X8 B . 4.83 4.72 11.05
O1 7X8 B . 10.49 7.36 8.77
C2 7X8 B . 6.80 5.03 9.86
C2 7X8 B . 9.51 5.47 9.71
C3 7X8 B . 7.79 5.99 9.83
C3 7X8 B . 8.41 5.90 10.41
C4 7X8 B . 9.08 5.64 9.50
C4 7X8 B . 7.37 5.01 10.63
C5 7X8 B . 9.35 4.32 9.20
C5 7X8 B . 7.44 3.72 10.14
C6 7X8 B . 8.37 3.36 9.23
C6 7X8 B . 8.55 3.31 9.44
C18 7X8 B . 7.07 3.70 9.58
C18 7X8 B . 9.59 4.18 9.23
MG MG C . -6.45 0.72 5.59
MG MG D . -6.94 -2.26 4.32
MG MG E . 4.76 18.92 -7.78
#